data_7NRY
#
_entry.id   7NRY
#
_cell.length_a   255.551
_cell.length_b   255.551
_cell.length_c   255.551
_cell.angle_alpha   90.000
_cell.angle_beta   90.000
_cell.angle_gamma   90.000
#
_symmetry.space_group_name_H-M   'F 41 3 2'
#
loop_
_entity.id
_entity.type
_entity.pdbx_description
1 polymer 'MAP kinase-activated protein kinase 2'
2 non-polymer "(10R)-10-methyl-3-(6-methylpyridin-3-yl)-9,10,11,12-tetrahydro-8H-[1,4]diazepino[5',6':4,5]thieno[3,2-f]quinolin-8-one"
3 non-polymer 'CHLORIDE ION'
4 non-polymer 'MALONIC ACID'
#
_entity_poly.entity_id   1
_entity_poly.type   'polypeptide(L)'
_entity_poly.pdbx_seq_one_letter_code
;QFHVKSGLQIKKNAIIDDYKVTSQVLGLGINGKVLQIFNKRTQEKFALKMLQDCPKARREVELHWRASQCPHIVRIVDVY
ENLYAGRKCLLIVMECLDGGELFSRIQDRGDQAFTEREASEIMKSIGEAIQYLHSINIAHRDVKPENLLYTSKRPNAILK
LTDFGFAKETTSHNSLTTPCYTPYYVAPEVLGPEKYDKSCDMWSLGVIMYILLCGYPPFYSNHGLAISPGMKTRIRMGQY
EFPNPEWSEVSEEVKMLIRNLLKTEPTQRMTITEFMNHPWIMQSTKVPQTPLHTSRVLKEDKERWEDVKEEMTSALATMR
VDYEQIK
;
_entity_poly.pdbx_strand_id   X
#
loop_
_chem_comp.id
_chem_comp.type
_chem_comp.name
_chem_comp.formula
B97 non-polymer (10R)-10-methyl-3-(6-methylpyridin-3-yl)-9,10,11,12-tetrahydro-8H-[1,4]diazepino[5',6':4,5]thieno[3,2-f]quinolin-8-one 'C21 H18 N4 O S'
CL non-polymer 'CHLORIDE ION' 'Cl -1'
MLA non-polymer 'MALONIC ACID' 'C3 H4 O4'
#
# COMPACT_ATOMS: atom_id res chain seq x y z
N GLN A 1 30.54 -1.94 -16.32
CA GLN A 1 29.34 -1.18 -15.95
C GLN A 1 29.04 -1.31 -14.45
N PHE A 2 28.54 -0.25 -13.86
CA PHE A 2 28.00 -0.28 -12.51
C PHE A 2 26.62 0.37 -12.52
N HIS A 3 25.68 -0.23 -11.79
CA HIS A 3 24.25 -0.14 -12.13
C HIS A 3 23.56 1.07 -11.51
N VAL A 4 24.07 2.25 -11.88
CA VAL A 4 23.38 3.50 -11.61
C VAL A 4 22.05 3.58 -12.34
N LYS A 5 21.05 4.16 -11.68
CA LYS A 5 19.77 4.49 -12.29
C LYS A 5 19.52 5.99 -12.18
N SER A 6 18.76 6.51 -13.15
CA SER A 6 18.64 7.96 -13.35
C SER A 6 18.04 8.67 -12.15
N GLY A 7 18.59 9.85 -11.85
CA GLY A 7 18.07 10.71 -10.80
C GLY A 7 16.75 11.37 -11.18
N LEU A 8 16.22 12.14 -10.24
CA LEU A 8 14.95 12.82 -10.44
C LEU A 8 15.02 13.86 -11.55
N GLN A 9 14.58 13.47 -12.75
CA GLN A 9 14.38 14.38 -13.88
C GLN A 9 13.07 15.14 -13.71
N ILE A 10 13.09 16.15 -12.85
CA ILE A 10 11.93 17.04 -12.71
C ILE A 10 11.93 18.03 -13.86
N LYS A 11 10.79 18.12 -14.56
CA LYS A 11 10.68 18.79 -15.84
C LYS A 11 9.96 20.12 -15.68
N LYS A 12 10.39 21.12 -16.44
CA LYS A 12 9.79 22.45 -16.40
C LYS A 12 8.68 22.68 -17.43
N ASN A 13 8.52 21.79 -18.41
CA ASN A 13 7.64 22.12 -19.52
C ASN A 13 6.19 22.00 -19.10
N ALA A 14 5.29 22.59 -19.89
CA ALA A 14 3.87 22.29 -19.74
C ALA A 14 3.62 20.82 -20.04
N ILE A 15 2.91 20.14 -19.14
CA ILE A 15 2.67 18.71 -19.32
C ILE A 15 1.96 18.43 -20.64
N ILE A 16 1.12 19.37 -21.10
CA ILE A 16 0.40 19.20 -22.36
C ILE A 16 1.33 19.15 -23.56
N ASP A 17 2.57 19.59 -23.42
CA ASP A 17 3.57 19.31 -24.44
C ASP A 17 3.79 17.82 -24.59
N ASP A 18 3.73 17.09 -23.48
CA ASP A 18 4.11 15.67 -23.46
C ASP A 18 2.94 14.72 -23.28
N TYR A 19 1.87 15.13 -22.58
CA TYR A 19 0.76 14.25 -22.28
C TYR A 19 -0.57 14.93 -22.58
N LYS A 20 -1.52 14.17 -23.15
CA LYS A 20 -2.89 14.65 -23.24
C LYS A 20 -3.58 14.38 -21.90
N VAL A 21 -4.05 15.43 -21.26
CA VAL A 21 -4.74 15.33 -19.98
C VAL A 21 -6.24 15.20 -20.21
N THR A 22 -6.90 14.47 -19.32
CA THR A 22 -8.34 14.21 -19.38
C THR A 22 -8.99 14.68 -18.09
N SER A 23 -10.32 14.74 -18.09
CA SER A 23 -11.10 15.04 -16.90
C SER A 23 -11.64 13.78 -16.23
N GLN A 24 -11.27 12.60 -16.70
CA GLN A 24 -11.62 11.36 -16.01
C GLN A 24 -10.85 11.28 -14.69
N VAL A 25 -11.57 11.23 -13.59
CA VAL A 25 -10.99 11.09 -12.26
C VAL A 25 -10.78 9.61 -11.98
N LEU A 26 -9.57 9.25 -11.53
CA LEU A 26 -9.25 7.88 -11.15
C LEU A 26 -9.24 7.64 -9.65
N GLY A 27 -9.15 8.69 -8.83
CA GLY A 27 -9.02 8.51 -7.41
C GLY A 27 -8.79 9.82 -6.72
N LEU A 28 -8.79 9.75 -5.38
CA LEU A 28 -8.30 10.84 -4.54
C LEU A 28 -7.39 10.28 -3.46
N GLY A 29 -6.15 10.77 -3.42
CA GLY A 29 -5.25 10.50 -2.33
C GLY A 29 -5.31 11.57 -1.27
N ILE A 30 -4.53 11.35 -0.20
CA ILE A 30 -4.64 12.21 0.97
C ILE A 30 -4.19 13.64 0.67
N ASN A 31 -3.33 13.82 -0.34
CA ASN A 31 -2.94 15.16 -0.76
C ASN A 31 -3.80 15.75 -1.87
N GLY A 32 -4.54 14.94 -2.63
CA GLY A 32 -5.22 15.49 -3.78
C GLY A 32 -5.70 14.42 -4.75
N LYS A 33 -6.31 14.91 -5.83
CA LYS A 33 -6.98 14.11 -6.84
C LYS A 33 -5.99 13.51 -7.84
N VAL A 34 -6.36 12.34 -8.39
CA VAL A 34 -5.57 11.63 -9.38
C VAL A 34 -6.36 11.55 -10.68
N LEU A 35 -5.78 12.05 -11.77
CA LEU A 35 -6.45 12.15 -13.06
C LEU A 35 -5.81 11.20 -14.08
N GLN A 36 -6.64 10.75 -15.03
CA GLN A 36 -6.15 10.05 -16.21
C GLN A 36 -5.48 11.01 -17.19
N ILE A 37 -4.43 10.51 -17.86
CA ILE A 37 -3.75 11.20 -18.96
C ILE A 37 -3.17 10.16 -19.91
N PHE A 38 -2.76 10.62 -21.09
CA PHE A 38 -2.25 9.77 -22.19
C PHE A 38 -0.93 10.34 -22.69
N ASN A 39 0.09 9.48 -22.80
CA ASN A 39 1.37 9.91 -23.37
C ASN A 39 1.18 10.24 -24.85
N LYS A 40 1.63 11.44 -25.25
CA LYS A 40 1.35 11.91 -26.60
C LYS A 40 2.06 11.12 -27.69
N ARG A 41 3.21 10.49 -27.38
CA ARG A 41 3.78 9.55 -28.35
C ARG A 41 2.98 8.27 -28.40
N THR A 42 2.90 7.57 -27.26
CA THR A 42 2.56 6.16 -27.24
C THR A 42 1.07 5.89 -27.08
N GLN A 43 0.30 6.87 -26.58
CA GLN A 43 -1.11 6.75 -26.24
C GLN A 43 -1.32 5.90 -24.99
N GLU A 44 -0.26 5.39 -24.38
CA GLU A 44 -0.36 4.63 -23.14
C GLU A 44 -1.02 5.48 -22.05
N LYS A 45 -2.00 4.87 -21.38
CA LYS A 45 -2.71 5.50 -20.28
C LYS A 45 -1.83 5.60 -19.03
N PHE A 46 -1.85 6.78 -18.41
CA PHE A 46 -1.13 7.01 -17.16
C PHE A 46 -2.02 7.78 -16.20
N ALA A 47 -1.54 7.96 -14.97
CA ALA A 47 -2.25 8.68 -13.92
C ALA A 47 -1.46 9.88 -13.43
N LEU A 48 -2.17 11.00 -13.23
CA LEU A 48 -1.58 12.28 -12.88
C LEU A 48 -2.08 12.70 -11.50
N LYS A 49 -1.14 12.94 -10.57
CA LYS A 49 -1.43 13.49 -9.24
C LYS A 49 -0.98 14.95 -9.19
N MET A 50 -1.91 15.85 -8.85
CA MET A 50 -1.58 17.27 -8.69
C MET A 50 -1.26 17.59 -7.23
N LEU A 51 0.00 17.96 -6.97
CA LEU A 51 0.44 18.44 -5.66
C LEU A 51 0.82 19.91 -5.79
N GLN A 52 0.23 20.76 -4.94
CA GLN A 52 0.66 22.15 -4.92
C GLN A 52 2.11 22.23 -4.43
N ASP A 53 2.96 22.93 -5.19
CA ASP A 53 4.39 22.87 -4.96
C ASP A 53 4.75 23.44 -3.59
N CYS A 54 5.68 22.77 -2.92
CA CYS A 54 6.04 23.04 -1.54
C CYS A 54 7.29 22.23 -1.20
N PRO A 55 8.03 22.63 -0.15
CA PRO A 55 9.18 21.81 0.27
C PRO A 55 8.79 20.42 0.73
N LYS A 56 7.62 20.29 1.38
CA LYS A 56 7.14 18.98 1.80
C LYS A 56 6.87 18.07 0.61
N ALA A 57 6.27 18.63 -0.45
CA ALA A 57 6.04 17.88 -1.68
C ALA A 57 7.35 17.54 -2.38
N ARG A 58 8.29 18.49 -2.42
CA ARG A 58 9.58 18.23 -3.06
C ARG A 58 10.35 17.10 -2.41
N ARG A 59 10.27 16.99 -1.08
CA ARG A 59 10.88 15.86 -0.40
C ARG A 59 10.14 14.55 -0.67
N GLU A 60 8.81 14.57 -0.53
CA GLU A 60 8.00 13.37 -0.70
C GLU A 60 8.15 12.76 -2.10
N VAL A 61 8.11 13.60 -3.14
CA VAL A 61 8.35 13.12 -4.50
C VAL A 61 9.71 12.44 -4.63
N GLU A 62 10.75 13.07 -4.08
CA GLU A 62 12.09 12.47 -4.11
C GLU A 62 12.11 11.09 -3.45
N LEU A 63 11.39 10.93 -2.33
CA LEU A 63 11.32 9.63 -1.67
C LEU A 63 10.57 8.62 -2.52
N HIS A 64 9.47 9.04 -3.16
CA HIS A 64 8.74 8.13 -4.05
C HIS A 64 9.58 7.73 -5.26
N TRP A 65 10.39 8.65 -5.79
CA TRP A 65 11.31 8.29 -6.88
C TRP A 65 12.33 7.25 -6.43
N ARG A 66 12.94 7.44 -5.26
CA ARG A 66 13.87 6.45 -4.73
C ARG A 66 13.18 5.11 -4.50
N ALA A 67 11.92 5.14 -4.06
CA ALA A 67 11.13 3.92 -3.91
C ALA A 67 10.80 3.26 -5.25
N SER A 68 10.76 4.04 -6.32
CA SER A 68 10.12 3.61 -7.57
C SER A 68 10.67 2.28 -8.10
N GLN A 69 11.98 2.05 -7.96
CA GLN A 69 12.60 0.88 -8.57
C GLN A 69 12.05 -0.44 -8.05
N CYS A 70 11.48 -0.48 -6.86
CA CYS A 70 11.02 -1.75 -6.30
C CYS A 70 9.80 -2.26 -7.05
N PRO A 71 9.77 -3.54 -7.42
CA PRO A 71 8.64 -4.06 -8.21
C PRO A 71 7.28 -3.94 -7.52
N HIS A 72 7.24 -3.80 -6.19
CA HIS A 72 5.97 -3.62 -5.48
C HIS A 72 5.79 -2.20 -4.97
N ILE A 73 6.36 -1.22 -5.65
CA ILE A 73 6.09 0.20 -5.43
C ILE A 73 5.60 0.81 -6.73
N VAL A 74 4.53 1.61 -6.64
CA VAL A 74 3.98 2.28 -7.82
C VAL A 74 5.03 3.21 -8.41
N ARG A 75 5.33 3.03 -9.69
CA ARG A 75 6.43 3.76 -10.33
C ARG A 75 5.98 5.16 -10.76
N ILE A 76 6.85 6.14 -10.50
CA ILE A 76 6.78 7.44 -11.17
C ILE A 76 7.49 7.35 -12.51
N VAL A 77 6.85 7.86 -13.56
CA VAL A 77 7.48 8.00 -14.86
C VAL A 77 7.98 9.43 -15.11
N ASP A 78 7.23 10.45 -14.69
CA ASP A 78 7.64 11.83 -14.91
C ASP A 78 7.13 12.72 -13.79
N VAL A 79 7.83 13.84 -13.59
CA VAL A 79 7.43 14.89 -12.64
C VAL A 79 7.61 16.24 -13.30
N TYR A 80 6.59 17.10 -13.21
CA TYR A 80 6.59 18.42 -13.82
C TYR A 80 6.39 19.52 -12.79
N GLU A 81 7.03 20.66 -13.03
CA GLU A 81 6.78 21.91 -12.32
C GLU A 81 5.99 22.83 -13.24
N ASN A 82 4.72 23.07 -12.91
CA ASN A 82 3.84 23.84 -13.77
C ASN A 82 3.13 24.92 -12.96
N LEU A 83 2.51 25.86 -13.69
CA LEU A 83 1.64 26.89 -13.12
C LEU A 83 0.19 26.57 -13.41
N TYR A 84 -0.66 26.71 -12.39
CA TYR A 84 -2.09 26.39 -12.51
C TYR A 84 -2.88 27.38 -11.67
N ALA A 85 -3.82 28.08 -12.32
CA ALA A 85 -4.50 29.23 -11.74
C ALA A 85 -3.51 30.27 -11.21
N GLY A 86 -2.37 30.40 -11.88
CA GLY A 86 -1.32 31.30 -11.49
C GLY A 86 -0.54 30.90 -10.25
N ARG A 87 -0.85 29.75 -9.65
CA ARG A 87 -0.13 29.25 -8.49
C ARG A 87 0.59 27.95 -8.84
N LYS A 88 1.83 27.84 -8.37
CA LYS A 88 2.73 26.77 -8.80
C LYS A 88 2.35 25.42 -8.20
N CYS A 89 2.35 24.38 -9.03
CA CYS A 89 1.97 23.03 -8.62
C CYS A 89 2.96 22.03 -9.21
N LEU A 90 2.95 20.82 -8.65
CA LEU A 90 3.70 19.68 -9.15
C LEU A 90 2.75 18.63 -9.68
N LEU A 91 3.05 18.10 -10.87
CA LEU A 91 2.25 17.04 -11.49
C LEU A 91 3.07 15.76 -11.58
N ILE A 92 2.67 14.74 -10.81
CA ILE A 92 3.30 13.43 -10.80
C ILE A 92 2.55 12.52 -11.75
N VAL A 93 3.24 12.03 -12.79
CA VAL A 93 2.68 11.00 -13.66
C VAL A 93 3.11 9.63 -13.17
N MET A 94 2.15 8.77 -12.86
CA MET A 94 2.40 7.40 -12.40
C MET A 94 1.80 6.37 -13.35
N GLU A 95 2.30 5.14 -13.22
CA GLU A 95 1.73 3.99 -13.93
C GLU A 95 0.27 3.77 -13.55
N CYS A 96 -0.53 3.33 -14.53
CA CYS A 96 -1.96 3.16 -14.35
C CYS A 96 -2.26 1.87 -13.57
N LEU A 97 -2.92 2.03 -12.42
CA LEU A 97 -3.36 0.92 -11.57
C LEU A 97 -4.85 0.61 -11.79
N ASP A 98 -5.16 0.00 -12.93
CA ASP A 98 -6.55 -0.36 -13.20
C ASP A 98 -7.06 -1.55 -12.38
N GLY A 99 -6.19 -2.24 -11.65
CA GLY A 99 -6.56 -3.45 -10.91
C GLY A 99 -7.32 -3.27 -9.61
N GLY A 100 -7.44 -2.03 -9.11
CA GLY A 100 -8.25 -1.77 -7.93
C GLY A 100 -7.61 -2.20 -6.62
N GLU A 101 -8.42 -2.22 -5.57
CA GLU A 101 -7.93 -2.46 -4.22
C GLU A 101 -7.67 -3.94 -3.93
N LEU A 102 -6.73 -4.18 -3.01
CA LEU A 102 -6.42 -5.53 -2.53
C LEU A 102 -7.65 -6.25 -1.99
N PHE A 103 -8.29 -5.67 -0.96
CA PHE A 103 -9.41 -6.34 -0.32
C PHE A 103 -10.70 -6.26 -1.13
N SER A 104 -10.86 -5.22 -1.95
CA SER A 104 -12.05 -5.15 -2.79
C SER A 104 -12.04 -6.28 -3.82
N ARG A 105 -10.85 -6.63 -4.31
CA ARG A 105 -10.69 -7.74 -5.23
C ARG A 105 -11.04 -9.08 -4.57
N ILE A 106 -10.54 -9.29 -3.35
CA ILE A 106 -10.86 -10.52 -2.61
C ILE A 106 -12.35 -10.60 -2.32
N GLN A 107 -12.94 -9.49 -1.87
CA GLN A 107 -14.38 -9.42 -1.64
C GLN A 107 -15.18 -9.72 -2.91
N ASP A 108 -14.66 -9.34 -4.06
CA ASP A 108 -15.25 -9.67 -5.35
C ASP A 108 -14.82 -11.03 -5.92
N ARG A 109 -14.16 -11.89 -5.13
CA ARG A 109 -13.85 -13.22 -5.63
C ARG A 109 -15.07 -14.13 -5.71
N GLY A 110 -16.02 -13.98 -4.80
CA GLY A 110 -17.21 -14.79 -4.83
C GLY A 110 -16.97 -16.28 -4.62
N ASP A 111 -17.20 -17.05 -5.69
CA ASP A 111 -17.14 -18.51 -5.68
C ASP A 111 -15.88 -19.12 -5.08
N GLN A 112 -14.74 -18.94 -5.73
CA GLN A 112 -13.55 -19.72 -5.42
C GLN A 112 -12.93 -19.38 -4.07
N ALA A 113 -12.18 -20.35 -3.56
CA ALA A 113 -11.59 -20.32 -2.23
C ALA A 113 -10.44 -19.32 -2.14
N PHE A 114 -10.35 -18.67 -0.98
CA PHE A 114 -9.21 -17.82 -0.63
C PHE A 114 -8.42 -18.51 0.48
N THR A 115 -7.18 -18.86 0.19
CA THR A 115 -6.39 -19.76 1.03
C THR A 115 -5.38 -19.01 1.88
N GLU A 116 -4.95 -19.68 2.95
CA GLU A 116 -3.83 -19.19 3.77
C GLU A 116 -2.54 -19.06 2.97
N ARG A 117 -2.34 -19.91 1.95
CA ARG A 117 -1.19 -19.75 1.06
C ARG A 117 -1.28 -18.48 0.24
N GLU A 118 -2.48 -18.14 -0.25
CA GLU A 118 -2.67 -16.88 -0.96
C GLU A 118 -2.52 -15.67 -0.04
N ALA A 119 -2.96 -15.80 1.22
CA ALA A 119 -2.69 -14.76 2.21
C ALA A 119 -1.19 -14.63 2.50
N SER A 120 -0.47 -15.75 2.50
CA SER A 120 0.99 -15.71 2.65
C SER A 120 1.66 -15.06 1.44
N GLU A 121 1.17 -15.33 0.23
CA GLU A 121 1.73 -14.69 -0.96
C GLU A 121 1.48 -13.18 -0.97
N ILE A 122 0.27 -12.76 -0.61
CA ILE A 122 -0.03 -11.32 -0.51
C ILE A 122 0.82 -10.66 0.57
N MET A 123 0.90 -11.27 1.76
CA MET A 123 1.69 -10.69 2.84
C MET A 123 3.17 -10.69 2.55
N LYS A 124 3.69 -11.70 1.84
CA LYS A 124 5.07 -11.62 1.36
C LYS A 124 5.27 -10.44 0.42
N SER A 125 4.32 -10.21 -0.50
CA SER A 125 4.41 -9.08 -1.42
C SER A 125 4.43 -7.75 -0.67
N ILE A 126 3.51 -7.56 0.28
CA ILE A 126 3.46 -6.32 1.06
C ILE A 126 4.72 -6.17 1.90
N GLY A 127 5.16 -7.24 2.56
CA GLY A 127 6.39 -7.17 3.33
C GLY A 127 7.62 -6.90 2.48
N GLU A 128 7.68 -7.52 1.30
CA GLU A 128 8.76 -7.25 0.36
C GLU A 128 8.79 -5.79 -0.08
N ALA A 129 7.61 -5.18 -0.25
CA ALA A 129 7.55 -3.75 -0.58
C ALA A 129 8.09 -2.90 0.57
N ILE A 130 7.65 -3.17 1.80
CA ILE A 130 8.12 -2.40 2.95
C ILE A 130 9.61 -2.61 3.18
N GLN A 131 10.11 -3.82 2.93
CA GLN A 131 11.53 -4.10 3.15
C GLN A 131 12.43 -3.19 2.33
N TYR A 132 12.08 -2.95 1.06
CA TYR A 132 12.84 -2.00 0.25
C TYR A 132 12.85 -0.61 0.88
N LEU A 133 11.69 -0.14 1.32
CA LEU A 133 11.58 1.20 1.88
C LEU A 133 12.41 1.33 3.15
N HIS A 134 12.28 0.37 4.07
CA HIS A 134 13.03 0.43 5.32
C HIS A 134 14.53 0.28 5.08
N SER A 135 14.92 -0.53 4.09
CA SER A 135 16.34 -0.73 3.81
C SER A 135 17.01 0.52 3.26
N ILE A 136 16.24 1.44 2.67
CA ILE A 136 16.75 2.75 2.31
C ILE A 136 16.30 3.83 3.31
N ASN A 137 15.92 3.42 4.53
CA ASN A 137 15.50 4.32 5.60
C ASN A 137 14.32 5.23 5.23
N ILE A 138 13.37 4.70 4.45
CA ILE A 138 12.09 5.36 4.23
C ILE A 138 11.01 4.55 4.93
N ALA A 139 10.20 5.22 5.75
CA ALA A 139 8.98 4.65 6.31
C ALA A 139 7.75 5.23 5.61
N HIS A 140 6.78 4.37 5.32
CA HIS A 140 5.62 4.79 4.54
C HIS A 140 4.61 5.54 5.40
N ARG A 141 4.24 4.96 6.54
CA ARG A 141 3.39 5.57 7.57
C ARG A 141 1.92 5.69 7.18
N ASP A 142 1.50 5.12 6.05
CA ASP A 142 0.07 5.10 5.74
C ASP A 142 -0.31 3.83 4.98
N VAL A 143 0.35 2.71 5.29
CA VAL A 143 0.05 1.45 4.64
C VAL A 143 -1.34 0.98 5.09
N LYS A 144 -2.27 0.85 4.15
CA LYS A 144 -3.65 0.58 4.52
C LYS A 144 -4.39 0.08 3.28
N PRO A 145 -5.62 -0.44 3.45
CA PRO A 145 -6.37 -1.02 2.32
C PRO A 145 -6.53 -0.12 1.10
N GLU A 146 -6.68 1.19 1.29
CA GLU A 146 -6.79 2.08 0.13
C GLU A 146 -5.50 2.18 -0.66
N ASN A 147 -4.34 1.91 -0.05
CA ASN A 147 -3.06 2.25 -0.65
C ASN A 147 -2.34 1.05 -1.26
N LEU A 148 -2.97 -0.12 -1.26
CA LEU A 148 -2.42 -1.32 -1.90
C LEU A 148 -3.30 -1.70 -3.10
N LEU A 149 -2.75 -1.52 -4.30
CA LEU A 149 -3.51 -1.57 -5.54
C LEU A 149 -2.85 -2.53 -6.52
N TYR A 150 -3.63 -3.08 -7.44
CA TYR A 150 -3.17 -4.09 -8.37
C TYR A 150 -2.98 -3.52 -9.77
N THR A 151 -1.95 -4.01 -10.45
CA THR A 151 -1.58 -3.56 -11.79
C THR A 151 -2.56 -3.97 -12.89
N SER A 152 -3.33 -5.04 -12.71
CA SER A 152 -4.24 -5.47 -13.76
C SER A 152 -5.38 -6.31 -13.20
N LYS A 153 -6.40 -6.53 -14.03
CA LYS A 153 -7.63 -7.22 -13.64
C LYS A 153 -7.46 -8.74 -13.57
N ARG A 154 -6.30 -9.28 -13.89
CA ARG A 154 -6.16 -10.73 -13.87
C ARG A 154 -5.91 -11.23 -12.45
N PRO A 155 -6.11 -12.54 -12.21
CA PRO A 155 -5.84 -13.07 -10.86
C PRO A 155 -4.38 -13.01 -10.45
N ASN A 156 -3.45 -13.18 -11.39
CA ASN A 156 -2.02 -13.15 -11.12
C ASN A 156 -1.41 -11.77 -11.30
N ALA A 157 -2.21 -10.71 -11.19
CA ALA A 157 -1.67 -9.36 -11.18
C ALA A 157 -0.77 -9.14 -9.97
N ILE A 158 0.10 -8.13 -10.07
CA ILE A 158 1.11 -7.85 -9.05
C ILE A 158 0.71 -6.60 -8.25
N LEU A 159 0.82 -6.73 -6.93
CA LEU A 159 0.35 -5.73 -5.96
C LEU A 159 1.42 -4.66 -5.74
N LYS A 160 1.02 -3.39 -5.74
CA LYS A 160 1.95 -2.29 -5.54
C LYS A 160 1.40 -1.28 -4.53
N LEU A 161 2.33 -0.70 -3.77
CA LEU A 161 2.05 0.23 -2.68
C LEU A 161 2.14 1.69 -3.14
N THR A 162 1.30 2.53 -2.54
CA THR A 162 0.90 3.80 -3.13
C THR A 162 0.87 4.88 -2.04
N ASP A 163 0.74 6.14 -2.49
CA ASP A 163 0.50 7.30 -1.63
C ASP A 163 1.61 7.54 -0.60
N PHE A 164 2.75 8.08 -1.06
CA PHE A 164 3.86 8.50 -0.21
C PHE A 164 3.65 9.84 0.48
N GLY A 165 2.41 10.34 0.54
CA GLY A 165 2.10 11.64 1.12
C GLY A 165 2.34 11.75 2.62
N PHE A 166 2.58 10.64 3.32
CA PHE A 166 3.10 10.69 4.69
C PHE A 166 4.52 10.18 4.87
N ALA A 167 5.21 9.76 3.81
CA ALA A 167 6.50 9.09 3.99
C ALA A 167 7.55 10.05 4.58
N LYS A 168 8.56 9.45 5.22
CA LYS A 168 9.50 10.16 6.06
C LYS A 168 10.86 9.48 6.04
N GLU A 169 11.92 10.29 5.96
CA GLU A 169 13.29 9.77 6.08
C GLU A 169 13.66 9.55 7.54
N THR A 170 14.06 8.32 7.86
CA THR A 170 14.49 7.93 9.21
C THR A 170 16.02 7.98 9.27
N THR A 171 16.56 9.17 9.51
CA THR A 171 18.00 9.39 9.40
C THR A 171 18.66 9.91 10.66
N SER A 172 17.93 10.56 11.55
CA SER A 172 18.49 11.16 12.77
C SER A 172 19.73 12.01 12.49
N TYR A 196 8.29 4.50 16.99
CA TYR A 196 9.25 4.89 15.97
C TYR A 196 8.62 4.72 14.59
N ASP A 197 9.03 5.58 13.65
CA ASP A 197 8.30 5.73 12.39
C ASP A 197 8.19 4.41 11.64
N LYS A 198 9.27 3.61 11.64
CA LYS A 198 9.26 2.33 10.95
C LYS A 198 8.21 1.38 11.53
N SER A 199 7.94 1.47 12.83
CA SER A 199 6.98 0.58 13.47
C SER A 199 5.55 0.77 12.99
N CYS A 200 5.25 1.92 12.37
CA CYS A 200 3.88 2.13 11.89
C CYS A 200 3.58 1.21 10.71
N ASP A 201 4.58 0.96 9.86
CA ASP A 201 4.41 0.02 8.76
C ASP A 201 4.21 -1.41 9.27
N MET A 202 4.99 -1.81 10.28
CA MET A 202 4.85 -3.15 10.85
C MET A 202 3.50 -3.35 11.53
N TRP A 203 2.99 -2.32 12.22
CA TRP A 203 1.63 -2.42 12.75
C TRP A 203 0.62 -2.57 11.62
N SER A 204 0.79 -1.79 10.56
CA SER A 204 -0.11 -1.85 9.41
C SER A 204 -0.12 -3.23 8.78
N LEU A 205 1.07 -3.83 8.62
CA LEU A 205 1.18 -5.18 8.06
C LEU A 205 0.44 -6.20 8.92
N GLY A 206 0.54 -6.08 10.24
CA GLY A 206 -0.21 -6.98 11.11
C GLY A 206 -1.71 -6.85 10.98
N VAL A 207 -2.20 -5.62 10.83
CA VAL A 207 -3.63 -5.41 10.66
C VAL A 207 -4.10 -6.00 9.33
N ILE A 208 -3.38 -5.72 8.24
CA ILE A 208 -3.72 -6.29 6.94
C ILE A 208 -3.72 -7.82 7.00
N MET A 209 -2.71 -8.40 7.64
CA MET A 209 -2.62 -9.86 7.76
C MET A 209 -3.80 -10.43 8.56
N TYR A 210 -4.18 -9.74 9.64
CA TYR A 210 -5.36 -10.15 10.41
C TYR A 210 -6.62 -10.13 9.55
N ILE A 211 -6.88 -9.03 8.85
CA ILE A 211 -8.06 -8.93 8.00
C ILE A 211 -8.02 -9.97 6.88
N LEU A 212 -6.84 -10.20 6.31
CA LEU A 212 -6.68 -11.21 5.27
C LEU A 212 -7.12 -12.60 5.75
N LEU A 213 -6.94 -12.91 7.03
CA LEU A 213 -7.16 -14.26 7.53
C LEU A 213 -8.57 -14.51 8.05
N CYS A 214 -9.40 -13.49 8.20
CA CYS A 214 -10.76 -13.74 8.67
C CYS A 214 -11.81 -12.79 8.10
N GLY A 215 -11.40 -11.63 7.59
CA GLY A 215 -12.33 -10.68 7.02
C GLY A 215 -12.82 -9.56 7.91
N TYR A 216 -12.37 -9.47 9.15
CA TYR A 216 -12.73 -8.36 10.01
C TYR A 216 -11.49 -7.89 10.76
N PRO A 217 -11.48 -6.63 11.21
CA PRO A 217 -10.26 -6.08 11.81
C PRO A 217 -10.15 -6.40 13.30
N PRO A 218 -8.95 -6.22 13.88
CA PRO A 218 -8.76 -6.48 15.30
C PRO A 218 -9.20 -5.34 16.22
N PHE A 219 -10.10 -4.47 15.78
CA PHE A 219 -10.51 -3.35 16.62
C PHE A 219 -12.00 -3.08 16.43
N TYR A 220 -12.57 -2.39 17.42
CA TYR A 220 -14.00 -2.09 17.41
C TYR A 220 -14.23 -0.60 17.65
N SER A 221 -13.33 0.04 18.38
CA SER A 221 -13.33 1.50 18.53
C SER A 221 -11.99 2.00 19.05
N GLY A 238 -12.83 -7.25 25.49
CA GLY A 238 -12.35 -5.94 25.12
C GLY A 238 -11.02 -5.96 24.40
N GLN A 239 -10.41 -7.14 24.33
CA GLN A 239 -9.27 -7.34 23.46
C GLN A 239 -9.65 -7.36 21.99
N TYR A 240 -8.63 -7.25 21.15
CA TYR A 240 -8.71 -7.79 19.81
C TYR A 240 -8.80 -9.31 19.91
N GLU A 241 -9.87 -9.88 19.36
CA GLU A 241 -10.13 -11.30 19.54
C GLU A 241 -9.45 -12.14 18.46
N PHE A 242 -9.47 -13.46 18.66
CA PHE A 242 -9.36 -14.44 17.57
C PHE A 242 -10.61 -15.30 17.64
N PRO A 243 -11.74 -14.82 17.10
CA PRO A 243 -13.01 -15.50 17.33
C PRO A 243 -13.12 -16.82 16.56
N ASN A 244 -13.74 -17.80 17.20
CA ASN A 244 -14.33 -18.92 16.49
C ASN A 244 -15.60 -18.46 15.76
N PRO A 245 -15.94 -19.09 14.62
CA PRO A 245 -15.31 -20.23 13.95
C PRO A 245 -14.15 -19.90 12.99
N GLU A 246 -14.01 -18.64 12.60
CA GLU A 246 -13.08 -18.30 11.52
C GLU A 246 -11.64 -18.67 11.87
N TRP A 247 -11.25 -18.50 13.14
CA TRP A 247 -9.91 -18.81 13.61
C TRP A 247 -9.76 -20.23 14.15
N SER A 248 -10.83 -21.04 14.08
CA SER A 248 -10.86 -22.34 14.75
C SER A 248 -9.71 -23.26 14.36
N GLU A 249 -9.37 -23.31 13.07
CA GLU A 249 -8.25 -24.11 12.59
C GLU A 249 -7.01 -23.31 12.26
N VAL A 250 -7.02 -22.00 12.50
CA VAL A 250 -5.87 -21.17 12.19
C VAL A 250 -4.74 -21.44 13.17
N SER A 251 -3.52 -21.56 12.65
CA SER A 251 -2.37 -21.96 13.45
C SER A 251 -1.99 -20.90 14.49
N GLU A 252 -1.26 -21.34 15.51
CA GLU A 252 -0.48 -20.45 16.36
C GLU A 252 0.68 -19.79 15.62
N GLU A 253 1.20 -20.43 14.56
CA GLU A 253 2.33 -19.86 13.83
C GLU A 253 2.02 -18.50 13.23
N VAL A 254 0.86 -18.36 12.57
CA VAL A 254 0.39 -17.04 12.16
C VAL A 254 -0.02 -16.18 13.36
N LYS A 255 -0.75 -16.74 14.33
CA LYS A 255 -1.22 -15.92 15.44
C LYS A 255 -0.08 -15.42 16.32
N MET A 256 1.00 -16.20 16.48
CA MET A 256 2.18 -15.67 17.15
C MET A 256 2.81 -14.56 16.34
N LEU A 257 2.84 -14.73 15.02
CA LEU A 257 3.32 -13.68 14.11
C LEU A 257 2.47 -12.42 14.21
N ILE A 258 1.15 -12.59 14.31
CA ILE A 258 0.26 -11.45 14.54
C ILE A 258 0.54 -10.80 15.89
N ARG A 259 0.68 -11.60 16.94
CA ARG A 259 0.88 -11.04 18.28
C ARG A 259 2.12 -10.16 18.37
N ASN A 260 3.17 -10.51 17.62
CA ASN A 260 4.40 -9.72 17.58
C ASN A 260 4.27 -8.47 16.72
N LEU A 261 3.25 -8.37 15.88
CA LEU A 261 3.03 -7.17 15.07
C LEU A 261 2.08 -6.17 15.71
N LEU A 262 1.12 -6.60 16.52
CA LEU A 262 0.08 -5.72 17.03
C LEU A 262 0.37 -5.22 18.44
N LYS A 263 1.62 -5.32 18.90
CA LYS A 263 1.99 -4.77 20.20
C LYS A 263 1.67 -3.29 20.27
N THR A 264 1.14 -2.86 21.41
CA THR A 264 0.81 -1.45 21.62
C THR A 264 2.05 -0.57 21.67
N GLU A 265 3.12 -1.04 22.31
CA GLU A 265 4.35 -0.28 22.37
C GLU A 265 5.21 -0.52 21.13
N PRO A 266 5.60 0.55 20.41
CA PRO A 266 6.32 0.36 19.15
C PRO A 266 7.60 -0.44 19.30
N THR A 267 8.25 -0.31 20.46
CA THR A 267 9.53 -0.97 20.71
C THR A 267 9.38 -2.48 20.80
N GLN A 268 8.18 -2.99 21.01
CA GLN A 268 7.96 -4.43 21.09
C GLN A 268 7.74 -5.08 19.73
N ARG A 269 7.37 -4.31 18.71
CA ARG A 269 7.00 -4.92 17.45
C ARG A 269 8.22 -5.49 16.75
N MET A 270 8.03 -6.62 16.08
CA MET A 270 9.06 -7.17 15.22
C MET A 270 9.39 -6.22 14.08
N THR A 271 10.64 -6.26 13.64
CA THR A 271 11.06 -5.47 12.50
C THR A 271 10.63 -6.15 11.20
N ILE A 272 10.74 -5.40 10.10
CA ILE A 272 10.40 -5.95 8.79
C ILE A 272 11.37 -7.07 8.42
N THR A 273 12.62 -6.96 8.86
CA THR A 273 13.59 -8.02 8.62
C THR A 273 13.18 -9.32 9.30
N GLU A 274 12.78 -9.25 10.55
CA GLU A 274 12.31 -10.41 11.30
C GLU A 274 11.02 -10.99 10.69
N PHE A 275 10.12 -10.12 10.22
CA PHE A 275 8.91 -10.56 9.54
C PHE A 275 9.19 -11.37 8.28
N MET A 276 10.03 -10.83 7.38
CA MET A 276 10.34 -11.51 6.13
C MET A 276 11.11 -12.81 6.33
N ASN A 277 11.77 -12.98 7.46
CA ASN A 277 12.43 -14.22 7.80
C ASN A 277 11.54 -15.25 8.47
N HIS A 278 10.33 -14.89 8.87
CA HIS A 278 9.41 -15.87 9.42
C HIS A 278 9.08 -16.94 8.37
N PRO A 279 9.00 -18.21 8.76
CA PRO A 279 8.77 -19.29 7.77
C PRO A 279 7.49 -19.13 6.99
N TRP A 280 6.42 -18.63 7.62
CA TRP A 280 5.16 -18.41 6.92
C TRP A 280 5.31 -17.42 5.78
N ILE A 281 6.26 -16.50 5.88
CA ILE A 281 6.52 -15.52 4.82
C ILE A 281 7.61 -16.02 3.88
N MET A 282 8.75 -16.42 4.44
CA MET A 282 9.87 -16.90 3.63
C MET A 282 9.49 -18.06 2.73
N GLN A 283 8.75 -19.04 3.27
CA GLN A 283 8.43 -20.27 2.56
C GLN A 283 6.98 -20.27 2.05
N SER A 284 6.58 -19.17 1.43
CA SER A 284 5.17 -18.93 1.10
C SER A 284 4.60 -19.99 0.17
N THR A 285 5.42 -20.57 -0.71
CA THR A 285 4.97 -21.67 -1.54
C THR A 285 4.64 -22.92 -0.73
N LYS A 286 5.35 -23.12 0.39
CA LYS A 286 5.16 -24.29 1.23
C LYS A 286 4.03 -24.14 2.25
N VAL A 287 3.55 -22.92 2.48
CA VAL A 287 2.43 -22.65 3.39
C VAL A 287 1.22 -23.52 3.04
N PRO A 288 0.54 -24.07 4.06
CA PRO A 288 -0.67 -24.88 3.81
C PRO A 288 -1.74 -24.12 3.04
N GLN A 289 -2.45 -24.85 2.18
CA GLN A 289 -3.55 -24.33 1.37
C GLN A 289 -4.84 -24.15 2.16
N THR A 290 -4.76 -23.71 3.41
CA THR A 290 -5.92 -23.73 4.30
C THR A 290 -7.00 -22.76 3.81
N PRO A 291 -8.24 -23.22 3.61
CA PRO A 291 -9.31 -22.30 3.20
C PRO A 291 -9.69 -21.34 4.33
N LEU A 292 -9.83 -20.07 3.99
CA LEU A 292 -10.23 -19.04 4.93
C LEU A 292 -11.70 -18.66 4.75
N HIS A 293 -12.23 -17.95 5.76
CA HIS A 293 -13.58 -17.38 5.73
C HIS A 293 -13.61 -15.98 5.14
N THR A 294 -12.47 -15.45 4.71
CA THR A 294 -12.29 -14.01 4.54
C THR A 294 -13.30 -13.40 3.57
N SER A 295 -13.38 -13.94 2.35
CA SER A 295 -14.30 -13.41 1.34
C SER A 295 -15.75 -13.37 1.83
N ARG A 296 -16.22 -14.45 2.46
CA ARG A 296 -17.59 -14.47 2.96
C ARG A 296 -17.84 -13.37 3.99
N VAL A 297 -16.91 -13.21 4.94
CA VAL A 297 -17.06 -12.21 5.99
C VAL A 297 -16.99 -10.79 5.43
N LEU A 298 -16.07 -10.54 4.50
CA LEU A 298 -16.01 -9.24 3.84
C LEU A 298 -17.31 -8.89 3.12
N LYS A 299 -17.95 -9.88 2.49
CA LYS A 299 -19.28 -9.63 1.91
C LYS A 299 -20.33 -9.36 2.98
N GLU A 300 -20.36 -10.18 4.04
CA GLU A 300 -21.32 -9.97 5.12
C GLU A 300 -21.17 -8.61 5.78
N ASP A 301 -19.93 -8.17 6.01
CA ASP A 301 -19.66 -6.91 6.70
C ASP A 301 -19.40 -5.74 5.73
N LYS A 302 -19.80 -5.88 4.46
CA LYS A 302 -19.48 -4.86 3.46
C LYS A 302 -20.03 -3.49 3.82
N GLU A 303 -21.16 -3.44 4.53
CA GLU A 303 -21.76 -2.18 4.93
C GLU A 303 -20.94 -1.43 5.97
N ARG A 304 -20.04 -2.12 6.68
CA ARG A 304 -19.17 -1.50 7.66
C ARG A 304 -17.73 -1.38 7.19
N TRP A 305 -17.42 -1.87 5.99
CA TRP A 305 -16.04 -1.87 5.49
C TRP A 305 -15.48 -0.47 5.29
N GLU A 306 -16.29 0.47 4.79
CA GLU A 306 -15.86 1.87 4.73
C GLU A 306 -15.51 2.41 6.10
N ASP A 307 -16.26 2.05 7.14
CA ASP A 307 -15.93 2.48 8.49
C ASP A 307 -14.63 1.87 8.99
N VAL A 308 -14.39 0.59 8.68
CA VAL A 308 -13.15 -0.07 9.05
C VAL A 308 -11.94 0.65 8.46
N LYS A 309 -11.99 0.96 7.16
CA LYS A 309 -10.92 1.72 6.52
C LYS A 309 -10.75 3.10 7.12
N GLU A 310 -11.87 3.76 7.47
CA GLU A 310 -11.79 5.09 8.06
C GLU A 310 -11.18 5.09 9.46
N GLU A 311 -11.50 4.09 10.29
CA GLU A 311 -10.93 4.08 11.64
C GLU A 311 -9.48 3.63 11.64
N MET A 312 -9.07 2.82 10.66
CA MET A 312 -7.64 2.54 10.48
C MET A 312 -6.89 3.79 10.06
N THR A 313 -7.45 4.58 9.15
CA THR A 313 -6.88 5.90 8.83
C THR A 313 -6.78 6.77 10.07
N SER A 314 -7.81 6.75 10.93
CA SER A 314 -7.76 7.54 12.16
C SER A 314 -6.69 7.03 13.12
N ALA A 315 -6.58 5.70 13.25
CA ALA A 315 -5.52 5.12 14.06
C ALA A 315 -4.13 5.47 13.51
N LEU A 316 -3.97 5.43 12.19
CA LEU A 316 -2.70 5.80 11.58
C LEU A 316 -2.41 7.29 11.75
N ALA A 317 -3.43 8.14 11.64
CA ALA A 317 -3.23 9.56 11.90
C ALA A 317 -2.83 9.80 13.35
N THR A 318 -3.43 9.07 14.29
CA THR A 318 -3.04 9.20 15.69
C THR A 318 -1.59 8.80 15.90
N MET A 319 -1.14 7.70 15.27
CA MET A 319 0.25 7.29 15.30
C MET A 319 1.18 8.24 14.54
N ARG A 320 0.65 9.12 13.70
CA ARG A 320 1.49 10.09 13.01
C ARG A 320 1.62 11.41 13.77
N VAL A 321 0.53 11.92 14.33
CA VAL A 321 0.59 13.14 15.12
C VAL A 321 1.44 12.94 16.38
N ASP A 322 1.74 11.70 16.74
CA ASP A 322 2.81 11.37 17.67
C ASP A 322 4.08 12.17 17.38
C15 B97 B . -5.97 5.21 -8.64
C19 B97 B . -6.65 3.83 -13.28
C10 B97 B . -2.66 5.40 -10.39
C9 B97 B . -1.86 5.99 -9.48
C14 B97 B . -6.73 4.60 -9.64
C20 B97 B . -7.47 3.22 -14.21
C24 B97 B . -8.05 2.88 -11.57
C16 B97 B . -4.61 5.49 -8.86
C17 B97 B . -3.76 6.11 -7.87
C18 B97 B . -6.92 3.65 -11.92
C11 B97 B . -4.07 5.14 -10.13
C5 B97 B . -4.02 6.55 -6.58
C8 B97 B . -2.33 6.37 -8.19
C13 B97 B . -6.10 4.28 -10.87
C6 B97 B . -2.76 7.13 -6.05
C21 B97 B . -8.57 2.45 -13.78
C25 B97 B . -2.46 7.70 -4.75
C3 B97 B . -5.49 7.32 -4.78
C2 B97 B . -4.59 7.12 -3.54
C22 B97 B . -9.46 1.80 -14.80
C1 B97 B . -4.50 5.61 -3.25
N23 B97 B . -8.85 2.28 -12.47
N12 B97 B . -4.80 4.55 -11.11
N4 B97 B . -5.25 6.49 -5.93
N27 B97 B . -3.29 7.71 -3.67
O26 B97 B . -1.34 8.30 -4.64
S7 B97 B . -1.69 7.01 -7.07
CL CL C . 2.70 10.99 -3.58
C1 MLA D . 11.80 7.53 -23.03
O1A MLA D . 10.76 7.53 -23.73
O1B MLA D . 12.12 6.53 -22.36
C2 MLA D . 12.68 8.79 -23.00
C3 MLA D . 13.05 9.16 -24.44
O3A MLA D . 13.94 8.50 -25.04
O3B MLA D . 12.48 10.13 -25.01
#